data_8Q5Q
#
_entry.id   8Q5Q
#
_entity_poly.entity_id   1
_entity_poly.type   'polydeoxyribonucleotide'
_entity_poly.pdbx_seq_one_letter_code
;(DA)(DT)(DT)(DT)(DNR)(DA)(DT)(DT)(DT)(DC)(DA)(DT)(DT)(DT)(DC)
;
_entity_poly.pdbx_strand_id   A,B
#